data_5VPE
#
_entry.id   5VPE
#
_cell.length_a   116.479
_cell.length_b   90.755
_cell.length_c   105.618
_cell.angle_alpha   90.000
_cell.angle_beta   117.930
_cell.angle_gamma   90.000
#
_symmetry.space_group_name_H-M   'C 1 2 1'
#
loop_
_entity.id
_entity.type
_entity.pdbx_description
1 polymer 'Protein fosB'
2 polymer 'Transcription factor jun-D'
3 polymer "DNA (5'-D(*CP*GP*TP*CP*GP*GP*TP*GP*AP*CP*TP*CP*AP*CP*CP*GP*AP*CP*G)-3')"
4 polymer "DNA (5'-D(*CP*GP*TP*CP*GP*GP*TP*GP*AP*GP*TP*CP*AP*CP*CP*GP*AP*CP*G)-3')"
5 non-polymer 'PHOSPHATE ION'
6 non-polymer 1,2-ETHANEDIOL
7 non-polymer 'SODIUM ION'
8 non-polymer 'CHLORIDE ION'
9 water water
#
loop_
_entity_poly.entity_id
_entity_poly.type
_entity_poly.pdbx_seq_one_letter_code
_entity_poly.pdbx_strand_id
1 'polypeptide(L)' SEEEEKRRVRRERNKLAAAKCRNRRRELTDRLQAETDQLEEEKAELESEIAELQKEKERLEFVLVAHK C,A
2 'polypeptide(L)' SQERIKAERKRLRNRIAASKCRKRKLERISRLEEKVKTLKSQNTELASTASLLREQVAQLKQKVLSHV D,B
3 'polydeoxyribonucleotide' (DC)(DG)(DT)(DC)(DG)(DG)(DT)(DG)(DA)(DC)(DT)(DC)(DA)(DC)(DC)(DG)(DA)(DC)(DG) G,E
4 'polydeoxyribonucleotide' (DC)(DG)(DT)(DC)(DG)(DG)(DT)(DG)(DA)(DG)(DT)(DC)(DA)(DC)(DC)(DG)(DA)(DC)(DG) H,F
#
loop_
_chem_comp.id
_chem_comp.type
_chem_comp.name
_chem_comp.formula
CL non-polymer 'CHLORIDE ION' 'Cl -1'
DA DNA linking 2'-DEOXYADENOSINE-5'-MONOPHOSPHATE 'C10 H14 N5 O6 P'
DC DNA linking 2'-DEOXYCYTIDINE-5'-MONOPHOSPHATE 'C9 H14 N3 O7 P'
DG DNA linking 2'-DEOXYGUANOSINE-5'-MONOPHOSPHATE 'C10 H14 N5 O7 P'
DT DNA linking THYMIDINE-5'-MONOPHOSPHATE 'C10 H15 N2 O8 P'
EDO non-polymer 1,2-ETHANEDIOL 'C2 H6 O2'
NA non-polymer 'SODIUM ION' 'Na 1'
PO4 non-polymer 'PHOSPHATE ION' 'O4 P -3'
#
# COMPACT_ATOMS: atom_id res chain seq x y z
N GLU A 2 -15.29 -12.04 -59.97
CA GLU A 2 -15.60 -10.63 -59.74
C GLU A 2 -16.88 -10.47 -58.94
N GLU A 3 -17.75 -11.50 -58.97
CA GLU A 3 -18.92 -11.49 -58.10
C GLU A 3 -18.52 -11.20 -56.66
N GLU A 4 -17.53 -11.94 -56.15
CA GLU A 4 -16.93 -11.67 -54.86
C GLU A 4 -16.05 -10.42 -54.98
N GLU A 5 -16.69 -9.26 -55.12
CA GLU A 5 -16.03 -7.96 -55.03
C GLU A 5 -16.80 -7.11 -54.03
N LYS A 6 -18.10 -7.40 -53.90
CA LYS A 6 -18.85 -6.92 -52.75
C LYS A 6 -18.17 -7.32 -51.44
N ARG A 7 -17.48 -8.47 -51.44
CA ARG A 7 -16.72 -8.88 -50.27
C ARG A 7 -15.56 -7.94 -50.00
N ARG A 8 -14.96 -7.38 -51.04
CA ARG A 8 -13.80 -6.51 -50.87
C ARG A 8 -14.21 -5.13 -50.35
N VAL A 9 -15.28 -4.56 -50.92
CA VAL A 9 -15.79 -3.28 -50.43
C VAL A 9 -16.26 -3.41 -48.99
N ARG A 10 -16.80 -4.57 -48.62
CA ARG A 10 -17.23 -4.76 -47.24
C ARG A 10 -16.04 -4.72 -46.30
N ARG A 11 -14.95 -5.41 -46.65
CA ARG A 11 -13.75 -5.37 -45.83
C ARG A 11 -13.24 -3.95 -45.66
N GLU A 12 -13.29 -3.15 -46.74
CA GLU A 12 -12.81 -1.78 -46.65
CA GLU A 12 -12.81 -1.77 -46.64
C GLU A 12 -13.73 -0.92 -45.78
N ARG A 13 -15.05 -1.11 -45.90
CA ARG A 13 -15.98 -0.36 -45.07
C ARG A 13 -15.85 -0.76 -43.60
N ASN A 14 -15.78 -2.06 -43.33
CA ASN A 14 -15.67 -2.52 -41.95
C ASN A 14 -14.34 -2.09 -41.33
N LYS A 15 -13.27 -2.03 -42.13
CA LYS A 15 -11.99 -1.55 -41.64
CA LYS A 15 -11.99 -1.55 -41.64
C LYS A 15 -12.12 -0.13 -41.11
N LEU A 16 -12.79 0.75 -41.88
CA LEU A 16 -13.00 2.12 -41.43
C LEU A 16 -13.91 2.16 -40.22
N ALA A 17 -14.92 1.28 -40.17
CA ALA A 17 -15.82 1.25 -39.03
C ALA A 17 -15.06 0.85 -37.77
N ALA A 18 -14.16 -0.12 -37.89
CA ALA A 18 -13.34 -0.55 -36.75
C ALA A 18 -12.45 0.59 -36.26
N ALA A 19 -11.81 1.30 -37.20
CA ALA A 19 -10.97 2.44 -36.81
C ALA A 19 -11.79 3.51 -36.12
N LYS A 20 -13.01 3.76 -36.61
CA LYS A 20 -13.88 4.74 -35.98
C LYS A 20 -14.28 4.31 -34.58
N CYS A 21 -14.61 3.02 -34.42
N CYS A 21 -14.67 3.03 -34.44
CA CYS A 21 -14.99 2.50 -33.11
CA CYS A 21 -14.97 2.47 -33.12
C CYS A 21 -13.83 2.62 -32.11
C CYS A 21 -13.82 2.71 -32.15
N ARG A 22 -12.61 2.32 -32.54
CA ARG A 22 -11.46 2.42 -31.64
C ARG A 22 -11.15 3.88 -31.32
N ASN A 23 -11.33 4.78 -32.30
CA ASN A 23 -11.07 6.18 -32.05
C ASN A 23 -12.09 6.78 -31.10
N ARG A 24 -13.36 6.41 -31.25
CA ARG A 24 -14.38 6.88 -30.32
C ARG A 24 -14.11 6.39 -28.91
N ARG A 25 -13.56 5.19 -28.75
CA ARG A 25 -13.29 4.70 -27.41
C ARG A 25 -12.10 5.43 -26.79
N ARG A 26 -11.08 5.76 -27.58
CA ARG A 26 -9.99 6.58 -27.08
C ARG A 26 -10.48 7.98 -26.72
N GLU A 27 -11.33 8.56 -27.55
CA GLU A 27 -11.84 9.91 -27.26
C GLU A 27 -12.69 9.93 -26.00
N LEU A 28 -13.57 8.94 -25.84
CA LEU A 28 -14.38 8.85 -24.64
C LEU A 28 -13.51 8.74 -23.39
N THR A 29 -12.50 7.87 -23.43
CA THR A 29 -11.60 7.75 -22.29
C THR A 29 -10.95 9.09 -21.96
N ASP A 30 -10.47 9.82 -22.97
CA ASP A 30 -9.82 11.11 -22.73
C ASP A 30 -10.82 12.15 -22.25
N ARG A 31 -12.03 12.14 -22.80
CA ARG A 31 -13.07 13.06 -22.34
CA ARG A 31 -13.08 13.04 -22.36
C ARG A 31 -13.40 12.81 -20.87
N LEU A 32 -13.64 11.55 -20.51
CA LEU A 32 -14.02 11.23 -19.14
C LEU A 32 -12.90 11.55 -18.16
N GLN A 33 -11.65 11.30 -18.55
CA GLN A 33 -10.54 11.63 -17.66
C GLN A 33 -10.44 13.14 -17.45
N ALA A 34 -10.55 13.94 -18.51
CA ALA A 34 -10.48 15.38 -18.34
C ALA A 34 -11.67 15.88 -17.53
N GLU A 35 -12.83 15.28 -17.74
CA GLU A 35 -14.02 15.65 -16.96
C GLU A 35 -13.83 15.32 -15.49
N THR A 36 -13.27 14.14 -15.19
CA THR A 36 -12.99 13.75 -13.82
C THR A 36 -12.02 14.72 -13.18
N ASP A 37 -10.94 15.06 -13.88
CA ASP A 37 -9.96 16.00 -13.35
C ASP A 37 -10.63 17.31 -12.96
N GLN A 38 -11.46 17.86 -13.84
CA GLN A 38 -12.13 19.13 -13.55
C GLN A 38 -13.09 19.01 -12.38
N LEU A 39 -13.89 17.94 -12.35
CA LEU A 39 -14.83 17.76 -11.26
C LEU A 39 -14.11 17.59 -9.93
N GLU A 40 -12.97 16.89 -9.93
CA GLU A 40 -12.19 16.75 -8.70
C GLU A 40 -11.68 18.11 -8.22
N GLU A 41 -11.27 18.97 -9.16
CA GLU A 41 -10.85 20.31 -8.79
C GLU A 41 -12.00 21.12 -8.20
N GLU A 42 -13.18 21.04 -8.82
CA GLU A 42 -14.32 21.81 -8.33
C GLU A 42 -14.77 21.31 -6.97
N LYS A 43 -14.63 20.01 -6.70
CA LYS A 43 -14.97 19.47 -5.40
C LYS A 43 -14.02 20.01 -4.32
N ALA A 44 -12.72 20.04 -4.62
CA ALA A 44 -11.76 20.56 -3.65
C ALA A 44 -12.03 22.02 -3.32
N GLU A 45 -12.32 22.84 -4.33
CA GLU A 45 -12.60 24.25 -4.08
C GLU A 45 -13.86 24.42 -3.23
N LEU A 46 -14.91 23.66 -3.53
CA LEU A 46 -16.13 23.74 -2.73
C LEU A 46 -15.86 23.35 -1.28
N GLU A 47 -15.21 22.21 -1.07
CA GLU A 47 -14.85 21.79 0.28
C GLU A 47 -14.02 22.83 1.00
N SER A 48 -13.19 23.57 0.26
CA SER A 48 -12.40 24.64 0.86
C SER A 48 -13.27 25.82 1.24
N GLU A 49 -14.17 26.23 0.34
CA GLU A 49 -15.06 27.35 0.64
C GLU A 49 -15.96 27.02 1.82
N ILE A 50 -16.46 25.79 1.87
CA ILE A 50 -17.31 25.37 2.98
C ILE A 50 -16.54 25.45 4.29
N ALA A 51 -15.31 24.94 4.30
CA ALA A 51 -14.53 24.93 5.55
C ALA A 51 -14.29 26.35 6.04
N GLU A 52 -14.00 27.28 5.14
CA GLU A 52 -13.77 28.66 5.56
C GLU A 52 -15.08 29.32 6.01
N LEU A 53 -16.20 29.00 5.35
CA LEU A 53 -17.47 29.59 5.74
C LEU A 53 -17.92 29.09 7.10
N GLN A 54 -17.71 27.80 7.38
CA GLN A 54 -18.10 27.25 8.68
C GLN A 54 -17.26 27.86 9.80
N LYS A 55 -15.97 28.11 9.52
CA LYS A 55 -15.11 28.77 10.50
C LYS A 55 -15.62 30.17 10.79
N GLU A 56 -15.93 30.94 9.74
CA GLU A 56 -16.38 32.31 9.92
C GLU A 56 -17.74 32.36 10.60
N LYS A 57 -18.62 31.41 10.27
CA LYS A 57 -19.89 31.32 10.95
C LYS A 57 -19.72 31.20 12.45
N GLU A 58 -18.86 30.26 12.89
CA GLU A 58 -18.68 30.06 14.32
C GLU A 58 -17.98 31.24 14.97
N ARG A 59 -17.02 31.85 14.28
CA ARG A 59 -16.40 33.06 14.79
C ARG A 59 -17.45 34.12 15.12
N LEU A 60 -18.33 34.41 14.16
CA LEU A 60 -19.37 35.41 14.36
C LEU A 60 -20.33 35.01 15.48
N GLU A 61 -20.64 33.71 15.57
CA GLU A 61 -21.51 33.23 16.64
C GLU A 61 -20.90 33.52 18.00
N PHE A 62 -19.59 33.29 18.15
CA PHE A 62 -18.96 33.57 19.44
C PHE A 62 -18.77 35.07 19.69
N VAL A 63 -18.59 35.88 18.65
CA VAL A 63 -18.60 37.32 18.85
C VAL A 63 -19.96 37.76 19.38
N LEU A 64 -21.04 37.25 18.77
CA LEU A 64 -22.38 37.65 19.17
C LEU A 64 -22.69 37.21 20.60
N VAL A 65 -22.28 36.01 20.99
CA VAL A 65 -22.57 35.56 22.34
C VAL A 65 -21.85 36.40 23.38
N ALA A 66 -20.77 37.09 23.00
CA ALA A 66 -19.99 37.85 23.96
C ALA A 66 -20.63 39.19 24.28
N HIS A 67 -21.42 39.74 23.37
CA HIS A 67 -22.06 41.04 23.56
C HIS A 67 -23.38 40.91 24.33
N SER B 1 1.43 -31.90 -35.90
CA SER B 1 2.84 -31.56 -35.85
C SER B 1 3.17 -30.61 -34.71
N GLN B 2 4.46 -30.56 -34.35
CA GLN B 2 4.90 -29.63 -33.31
C GLN B 2 4.79 -28.19 -33.78
N GLU B 3 4.98 -27.94 -35.08
CA GLU B 3 4.81 -26.59 -35.60
C GLU B 3 3.38 -26.12 -35.44
N ARG B 4 2.41 -27.03 -35.62
CA ARG B 4 1.00 -26.68 -35.47
C ARG B 4 0.64 -26.46 -34.01
N ILE B 5 1.09 -27.34 -33.12
CA ILE B 5 0.82 -27.18 -31.69
C ILE B 5 1.42 -25.88 -31.20
N LYS B 6 2.63 -25.54 -31.65
CA LYS B 6 3.27 -24.30 -31.22
C LYS B 6 2.50 -23.09 -31.74
N ALA B 7 2.05 -23.13 -32.99
CA ALA B 7 1.31 -22.00 -33.54
C ALA B 7 -0.04 -21.84 -32.85
N GLU B 8 -0.66 -22.96 -32.49
CA GLU B 8 -1.97 -22.91 -31.84
C GLU B 8 -1.83 -22.42 -30.40
N ARG B 9 -0.76 -22.84 -29.72
CA ARG B 9 -0.54 -22.37 -28.36
C ARG B 9 -0.28 -20.87 -28.33
N LYS B 10 0.45 -20.36 -29.33
CA LYS B 10 0.67 -18.92 -29.42
C LYS B 10 -0.65 -18.17 -29.62
N ARG B 11 -1.52 -18.69 -30.49
CA ARG B 11 -2.82 -18.05 -30.68
C ARG B 11 -3.64 -18.07 -29.38
N LEU B 12 -3.58 -19.16 -28.63
CA LEU B 12 -4.29 -19.23 -27.36
C LEU B 12 -3.76 -18.18 -26.39
N ARG B 13 -2.44 -18.13 -26.22
CA ARG B 13 -1.83 -17.13 -25.36
C ARG B 13 -2.24 -15.72 -25.79
N ASN B 14 -2.18 -15.44 -27.09
CA ASN B 14 -2.47 -14.09 -27.53
C ASN B 14 -3.96 -13.76 -27.37
N ARG B 15 -4.83 -14.73 -27.57
CA ARG B 15 -6.24 -14.41 -27.38
CA ARG B 15 -6.27 -14.55 -27.36
C ARG B 15 -6.55 -14.21 -25.90
N ILE B 16 -5.83 -14.86 -24.99
CA ILE B 16 -5.93 -14.53 -23.56
C ILE B 16 -5.45 -13.10 -23.30
N ALA B 17 -4.31 -12.72 -23.90
CA ALA B 17 -3.80 -11.36 -23.67
C ALA B 17 -4.73 -10.31 -24.27
N ALA B 18 -5.30 -10.61 -25.43
CA ALA B 18 -6.21 -9.64 -26.06
C ALA B 18 -7.46 -9.44 -25.21
N SER B 19 -8.04 -10.53 -24.69
CA SER B 19 -9.24 -10.39 -23.87
CA SER B 19 -9.24 -10.40 -23.88
C SER B 19 -8.96 -9.58 -22.61
N LYS B 20 -7.79 -9.80 -22.01
CA LYS B 20 -7.41 -9.03 -20.84
C LYS B 20 -7.21 -7.56 -21.22
N CYS B 21 -6.54 -7.31 -22.34
CA CYS B 21 -6.31 -5.94 -22.80
C CYS B 21 -7.63 -5.22 -23.05
N ARG B 22 -8.56 -5.85 -23.78
CA ARG B 22 -9.84 -5.22 -24.05
CA ARG B 22 -9.84 -5.20 -24.04
C ARG B 22 -10.61 -4.97 -22.75
N LYS B 23 -10.57 -5.93 -21.84
CA LYS B 23 -11.32 -5.81 -20.59
C LYS B 23 -10.83 -4.62 -19.78
N ARG B 24 -9.52 -4.39 -19.74
CA ARG B 24 -9.00 -3.26 -18.97
C ARG B 24 -9.44 -1.93 -19.58
N LYS B 25 -9.54 -1.87 -20.91
CA LYS B 25 -10.02 -0.64 -21.56
C LYS B 25 -11.45 -0.34 -21.14
N LEU B 26 -12.33 -1.33 -21.21
CA LEU B 26 -13.73 -1.11 -20.87
C LEU B 26 -13.91 -0.87 -19.38
N GLU B 27 -13.08 -1.50 -18.54
CA GLU B 27 -13.21 -1.28 -17.11
C GLU B 27 -12.76 0.12 -16.72
N ARG B 28 -11.73 0.64 -17.40
CA ARG B 28 -11.33 2.03 -17.14
C ARG B 28 -12.46 2.98 -17.47
N ILE B 29 -13.13 2.76 -18.60
CA ILE B 29 -14.26 3.61 -18.99
C ILE B 29 -15.38 3.48 -17.97
N SER B 30 -15.70 2.25 -17.58
CA SER B 30 -16.78 2.04 -16.61
C SER B 30 -16.45 2.70 -15.28
N ARG B 31 -15.21 2.57 -14.84
CA ARG B 31 -14.78 3.23 -13.61
C ARG B 31 -14.91 4.74 -13.72
N LEU B 32 -14.54 5.30 -14.88
CA LEU B 32 -14.56 6.75 -15.03
C LEU B 32 -15.99 7.28 -15.12
N GLU B 33 -16.87 6.55 -15.81
CA GLU B 33 -18.26 6.97 -15.90
C GLU B 33 -18.92 7.01 -14.53
N GLU B 34 -18.58 6.05 -13.65
CA GLU B 34 -19.14 6.06 -12.31
C GLU B 34 -18.60 7.24 -11.50
N LYS B 35 -17.30 7.50 -11.60
CA LYS B 35 -16.71 8.59 -10.82
C LYS B 35 -17.28 9.94 -11.26
N VAL B 36 -17.54 10.10 -12.56
CA VAL B 36 -18.12 11.34 -13.05
C VAL B 36 -19.53 11.52 -12.48
N LYS B 37 -20.32 10.45 -12.50
CA LYS B 37 -21.69 10.51 -11.95
C LYS B 37 -21.66 10.84 -10.47
N THR B 38 -20.75 10.23 -9.72
CA THR B 38 -20.64 10.48 -8.28
C THR B 38 -20.20 11.90 -7.99
N LEU B 39 -19.15 12.36 -8.66
CA LEU B 39 -18.63 13.71 -8.41
C LEU B 39 -19.66 14.78 -8.74
N LYS B 40 -20.43 14.60 -9.82
CA LYS B 40 -21.48 15.57 -10.13
C LYS B 40 -22.50 15.64 -9.00
N SER B 41 -22.91 14.48 -8.49
CA SER B 41 -23.86 14.45 -7.38
C SER B 41 -23.27 15.14 -6.15
N GLN B 42 -22.03 14.79 -5.80
CA GLN B 42 -21.42 15.36 -4.60
C GLN B 42 -21.24 16.88 -4.73
N ASN B 43 -20.81 17.35 -5.90
CA ASN B 43 -20.59 18.78 -6.06
C ASN B 43 -21.90 19.57 -6.01
N THR B 44 -23.00 18.96 -6.47
CA THR B 44 -24.30 19.61 -6.31
C THR B 44 -24.65 19.77 -4.84
N GLU B 45 -24.46 18.70 -4.06
CA GLU B 45 -24.69 18.78 -2.63
C GLU B 45 -23.79 19.82 -1.98
N LEU B 46 -22.50 19.82 -2.32
CA LEU B 46 -21.57 20.76 -1.72
C LEU B 46 -21.93 22.20 -2.09
N ALA B 47 -22.37 22.43 -3.33
CA ALA B 47 -22.74 23.78 -3.73
C ALA B 47 -23.91 24.31 -2.91
N SER B 48 -24.88 23.44 -2.59
CA SER B 48 -26.03 23.89 -1.82
C SER B 48 -25.64 24.16 -0.37
N THR B 49 -24.77 23.34 0.21
CA THR B 49 -24.26 23.64 1.54
C THR B 49 -23.53 24.98 1.56
N ALA B 50 -22.66 25.23 0.57
CA ALA B 50 -21.96 26.50 0.51
C ALA B 50 -22.93 27.67 0.38
N SER B 51 -23.97 27.50 -0.44
CA SER B 51 -24.93 28.58 -0.63
C SER B 51 -25.62 28.93 0.68
N LEU B 52 -26.05 27.91 1.42
CA LEU B 52 -26.69 28.16 2.71
C LEU B 52 -25.73 28.86 3.67
N LEU B 53 -24.53 28.31 3.83
CA LEU B 53 -23.55 28.91 4.74
C LEU B 53 -23.30 30.38 4.39
N ARG B 54 -23.24 30.70 3.10
CA ARG B 54 -23.02 32.09 2.70
C ARG B 54 -24.14 32.99 3.21
N GLU B 55 -25.39 32.54 3.11
CA GLU B 55 -26.50 33.34 3.61
C GLU B 55 -26.46 33.45 5.13
N GLN B 56 -26.24 32.32 5.81
CA GLN B 56 -26.11 32.34 7.26
C GLN B 56 -25.01 33.31 7.69
N VAL B 57 -23.87 33.29 7.01
CA VAL B 57 -22.77 34.20 7.32
C VAL B 57 -23.22 35.64 7.10
N ALA B 58 -23.88 35.90 5.96
CA ALA B 58 -24.36 37.24 5.67
C ALA B 58 -25.23 37.78 6.79
N GLN B 59 -26.19 36.98 7.26
CA GLN B 59 -27.07 37.42 8.32
C GLN B 59 -26.30 37.70 9.60
N LEU B 60 -25.36 36.81 9.95
CA LEU B 60 -24.60 37.00 11.18
C LEU B 60 -23.77 38.28 11.14
N LYS B 61 -23.18 38.60 9.98
CA LYS B 61 -22.49 39.88 9.83
C LYS B 61 -23.44 41.04 10.05
N GLN B 62 -24.72 40.87 9.70
CA GLN B 62 -25.71 41.92 9.95
C GLN B 62 -26.07 42.02 11.42
N LYS B 63 -26.23 40.87 12.10
CA LYS B 63 -26.49 40.91 13.53
C LYS B 63 -25.32 41.52 14.29
N VAL B 64 -24.09 41.18 13.89
CA VAL B 64 -22.92 41.78 14.53
C VAL B 64 -22.85 43.27 14.24
N LEU B 65 -23.06 43.66 12.97
CA LEU B 65 -22.98 45.06 12.59
C LEU B 65 -24.07 45.92 13.25
N SER B 66 -25.16 45.31 13.68
CA SER B 66 -26.22 46.04 14.36
C SER B 66 -25.88 46.35 15.82
N HIS B 67 -24.63 46.14 16.23
CA HIS B 67 -24.21 46.44 17.59
C HIS B 67 -23.00 47.38 17.58
N SER E 1 39.78 -48.29 -4.51
CA SER E 1 38.81 -48.62 -3.48
C SER E 1 39.17 -47.90 -2.18
N GLU E 2 40.43 -47.99 -1.79
CA GLU E 2 40.90 -47.17 -0.68
C GLU E 2 40.57 -45.70 -0.94
N GLU E 3 40.98 -45.19 -2.10
CA GLU E 3 40.76 -43.79 -2.41
C GLU E 3 39.30 -43.52 -2.74
N GLU E 4 38.66 -44.43 -3.48
CA GLU E 4 37.27 -44.21 -3.87
C GLU E 4 36.34 -44.23 -2.67
N GLU E 5 36.70 -44.97 -1.61
CA GLU E 5 35.87 -45.02 -0.42
C GLU E 5 36.18 -43.88 0.55
N LYS E 6 37.38 -43.28 0.48
CA LYS E 6 37.58 -41.99 1.13
C LYS E 6 36.62 -40.95 0.59
N ARG E 7 36.34 -41.00 -0.72
CA ARG E 7 35.41 -40.05 -1.32
C ARG E 7 33.98 -40.33 -0.87
N ARG E 8 33.59 -41.59 -0.82
CA ARG E 8 32.27 -41.94 -0.32
C ARG E 8 32.07 -41.42 1.10
N VAL E 9 33.05 -41.64 1.97
CA VAL E 9 32.94 -41.18 3.35
C VAL E 9 32.89 -39.66 3.41
N ARG E 10 33.69 -38.99 2.57
CA ARG E 10 33.70 -37.53 2.54
C ARG E 10 32.34 -36.99 2.12
N ARG E 11 31.71 -37.62 1.12
CA ARG E 11 30.40 -37.15 0.67
C ARG E 11 29.34 -37.35 1.74
N GLU E 12 29.34 -38.49 2.42
CA GLU E 12 28.36 -38.72 3.48
C GLU E 12 28.54 -37.73 4.61
N ARG E 13 29.79 -37.47 5.02
CA ARG E 13 30.05 -36.50 6.06
CA ARG E 13 30.02 -36.50 6.07
C ARG E 13 29.64 -35.10 5.62
N ASN E 14 30.06 -34.70 4.42
CA ASN E 14 29.73 -33.36 3.94
C ASN E 14 28.22 -33.18 3.74
N LYS E 15 27.51 -34.25 3.36
CA LYS E 15 26.07 -34.15 3.23
C LYS E 15 25.43 -33.77 4.56
N LEU E 16 25.88 -34.40 5.66
CA LEU E 16 25.36 -34.05 6.98
C LEU E 16 25.77 -32.65 7.38
N ALA E 17 26.98 -32.23 7.00
CA ALA E 17 27.40 -30.86 7.32
C ALA E 17 26.55 -29.84 6.59
N ALA E 18 26.23 -30.09 5.32
CA ALA E 18 25.36 -29.18 4.58
C ALA E 18 23.98 -29.10 5.23
N ALA E 19 23.40 -30.24 5.58
CA ALA E 19 22.09 -30.22 6.23
C ALA E 19 22.15 -29.46 7.55
N LYS E 20 23.25 -29.60 8.30
CA LYS E 20 23.40 -28.86 9.55
C LYS E 20 23.46 -27.36 9.28
N CYS E 21 24.25 -26.95 8.29
CA CYS E 21 24.32 -25.54 7.94
CA CYS E 21 24.32 -25.54 7.91
C CYS E 21 22.92 -24.99 7.60
N ARG E 22 22.17 -25.71 6.78
CA ARG E 22 20.86 -25.23 6.38
C ARG E 22 19.88 -25.24 7.55
N ASN E 23 19.98 -26.23 8.44
CA ASN E 23 19.09 -26.27 9.59
C ASN E 23 19.39 -25.13 10.56
N ARG E 24 20.67 -24.79 10.73
CA ARG E 24 21.03 -23.72 11.63
C ARG E 24 20.58 -22.36 11.10
N ARG E 25 20.60 -22.17 9.77
CA ARG E 25 20.07 -20.94 9.20
C ARG E 25 18.57 -20.83 9.42
N ARG E 26 17.83 -21.91 9.20
CA ARG E 26 16.39 -21.89 9.44
CA ARG E 26 16.39 -21.87 9.44
CA ARG E 26 16.40 -21.86 9.43
C ARG E 26 16.08 -21.59 10.90
N GLU E 27 16.81 -22.23 11.80
CA GLU E 27 16.56 -22.05 13.23
C GLU E 27 16.98 -20.66 13.69
N LEU E 28 18.06 -20.12 13.12
CA LEU E 28 18.45 -18.75 13.42
C LEU E 28 17.38 -17.77 12.96
N THR E 29 16.92 -17.92 11.72
CA THR E 29 15.85 -17.08 11.21
C THR E 29 14.62 -17.15 12.12
N ASP E 30 14.26 -18.36 12.55
CA ASP E 30 13.08 -18.51 13.41
C ASP E 30 13.28 -17.85 14.77
N ARG E 31 14.49 -17.99 15.34
CA ARG E 31 14.75 -17.39 16.65
C ARG E 31 14.72 -15.87 16.56
N LEU E 32 15.36 -15.30 15.54
CA LEU E 32 15.33 -13.85 15.36
C LEU E 32 13.90 -13.36 15.16
N GLN E 33 13.09 -14.09 14.39
CA GLN E 33 11.71 -13.66 14.17
C GLN E 33 10.92 -13.68 15.48
N ALA E 34 11.14 -14.71 16.30
CA ALA E 34 10.43 -14.79 17.58
C ALA E 34 10.90 -13.70 18.53
N GLU E 35 12.22 -13.46 18.58
CA GLU E 35 12.74 -12.39 19.42
C GLU E 35 12.18 -11.04 19.01
N THR E 36 12.10 -10.79 17.70
CA THR E 36 11.47 -9.56 17.21
C THR E 36 10.04 -9.46 17.71
N ASP E 37 9.26 -10.54 17.55
CA ASP E 37 7.86 -10.49 18.00
C ASP E 37 7.76 -10.15 19.48
N GLN E 38 8.66 -10.73 20.29
CA GLN E 38 8.61 -10.48 21.73
C GLN E 38 9.02 -9.04 22.05
N LEU E 39 10.07 -8.54 21.40
CA LEU E 39 10.51 -7.17 21.65
C LEU E 39 9.46 -6.15 21.20
N GLU E 40 8.79 -6.41 20.07
CA GLU E 40 7.72 -5.53 19.62
C GLU E 40 6.59 -5.50 20.64
N GLU E 41 6.32 -6.63 21.29
CA GLU E 41 5.25 -6.67 22.29
C GLU E 41 5.67 -5.96 23.57
N GLU E 42 6.94 -6.09 23.96
CA GLU E 42 7.44 -5.38 25.12
C GLU E 42 7.40 -3.87 24.87
N LYS E 43 7.80 -3.44 23.66
CA LYS E 43 7.77 -2.03 23.33
C LYS E 43 6.36 -1.48 23.37
N ALA E 44 5.40 -2.22 22.81
CA ALA E 44 4.00 -1.79 22.86
C ALA E 44 3.52 -1.69 24.30
N GLU E 45 3.97 -2.59 25.16
CA GLU E 45 3.56 -2.57 26.56
C GLU E 45 4.20 -1.41 27.31
N LEU E 46 5.48 -1.12 27.02
CA LEU E 46 6.13 0.01 27.68
C LEU E 46 5.49 1.33 27.26
N GLU E 47 5.20 1.47 25.97
CA GLU E 47 4.57 2.70 25.49
C GLU E 47 3.18 2.87 26.11
N SER E 48 2.49 1.77 26.40
CA SER E 48 1.20 1.85 27.05
C SER E 48 1.35 2.25 28.52
N GLU E 49 2.37 1.70 29.21
CA GLU E 49 2.63 2.10 30.58
CA GLU E 49 2.62 2.09 30.58
C GLU E 49 2.99 3.57 30.66
N ILE E 50 3.80 4.05 29.72
CA ILE E 50 4.19 5.46 29.72
C ILE E 50 2.97 6.34 29.52
N ALA E 51 2.13 6.02 28.52
CA ALA E 51 0.93 6.81 28.28
C ALA E 51 0.06 6.89 29.52
N GLU E 52 -0.08 5.76 30.24
CA GLU E 52 -0.92 5.75 31.42
C GLU E 52 -0.30 6.56 32.56
N LEU E 53 1.02 6.46 32.72
CA LEU E 53 1.68 7.21 33.79
C LEU E 53 1.64 8.71 33.51
N GLN E 54 1.83 9.10 32.25
CA GLN E 54 1.76 10.52 31.91
C GLN E 54 0.37 11.08 32.20
N LYS E 55 -0.68 10.32 31.87
CA LYS E 55 -2.04 10.75 32.22
C LYS E 55 -2.18 10.96 33.71
N GLU E 56 -1.81 9.95 34.51
CA GLU E 56 -1.96 10.05 35.96
C GLU E 56 -1.13 11.22 36.50
N LYS E 57 0.09 11.40 35.98
CA LYS E 57 0.92 12.51 36.42
C LYS E 57 0.18 13.83 36.25
N GLU E 58 -0.40 14.06 35.06
CA GLU E 58 -1.08 15.33 34.83
C GLU E 58 -2.35 15.45 35.67
N ARG E 59 -3.09 14.35 35.87
CA ARG E 59 -4.24 14.41 36.77
C ARG E 59 -3.82 14.89 38.15
N LEU E 60 -2.79 14.27 38.72
CA LEU E 60 -2.34 14.65 40.06
C LEU E 60 -1.85 16.09 40.11
N GLU E 61 -1.14 16.53 39.05
CA GLU E 61 -0.69 17.92 38.99
C GLU E 61 -1.87 18.87 39.02
N PHE E 62 -2.94 18.56 38.29
CA PHE E 62 -4.09 19.46 38.25
C PHE E 62 -4.91 19.39 39.56
N VAL E 63 -4.95 18.23 40.21
CA VAL E 63 -5.53 18.16 41.55
C VAL E 63 -4.78 19.10 42.49
N LEU E 64 -3.45 19.08 42.43
CA LEU E 64 -2.66 19.89 43.36
C LEU E 64 -2.89 21.38 43.15
N VAL E 65 -2.91 21.86 41.90
CA VAL E 65 -3.05 23.29 41.69
C VAL E 65 -4.44 23.78 42.08
N ALA E 66 -5.43 22.89 42.10
CA ALA E 66 -6.79 23.30 42.47
C ALA E 66 -6.91 23.59 43.97
N HIS E 67 -6.06 22.97 44.79
CA HIS E 67 -6.20 23.04 46.25
C HIS E 67 -5.96 24.44 46.81
N SER F 1 24.60 -28.05 -30.10
CA SER F 1 23.26 -28.53 -30.39
C SER F 1 22.22 -27.77 -29.58
N GLN F 2 20.98 -27.77 -30.06
CA GLN F 2 19.90 -27.13 -29.33
C GLN F 2 19.66 -27.82 -27.99
N GLU F 3 19.86 -29.13 -27.94
CA GLU F 3 19.76 -29.85 -26.67
C GLU F 3 20.70 -29.26 -25.63
N ARG F 4 21.95 -29.02 -26.02
CA ARG F 4 22.93 -28.46 -25.08
C ARG F 4 22.55 -27.04 -24.69
N ILE F 5 22.16 -26.20 -25.67
CA ILE F 5 21.82 -24.81 -25.36
C ILE F 5 20.66 -24.76 -24.39
N LYS F 6 19.57 -25.48 -24.71
CA LYS F 6 18.43 -25.54 -23.81
C LYS F 6 18.84 -25.93 -22.40
N ALA F 7 19.72 -26.92 -22.29
CA ALA F 7 20.18 -27.33 -20.96
C ALA F 7 21.01 -26.24 -20.30
N GLU F 8 21.83 -25.55 -21.08
CA GLU F 8 22.67 -24.50 -20.53
C GLU F 8 21.83 -23.30 -20.11
N ARG F 9 20.84 -22.93 -20.92
CA ARG F 9 19.95 -21.84 -20.56
C ARG F 9 19.17 -22.16 -19.30
N LYS F 10 18.70 -23.41 -19.16
CA LYS F 10 18.01 -23.78 -17.94
C LYS F 10 18.92 -23.64 -16.72
N ARG F 11 20.17 -24.09 -16.84
CA ARG F 11 21.11 -23.93 -15.73
C ARG F 11 21.34 -22.47 -15.41
N LEU F 12 21.46 -21.62 -16.43
CA LEU F 12 21.63 -20.19 -16.19
C LEU F 12 20.44 -19.61 -15.42
N ARG F 13 19.23 -19.93 -15.86
CA ARG F 13 18.05 -19.41 -15.18
CA ARG F 13 18.03 -19.43 -15.19
C ARG F 13 17.99 -19.90 -13.74
N ASN F 14 18.29 -21.19 -13.52
CA ASN F 14 18.26 -21.70 -12.15
C ASN F 14 19.41 -21.13 -11.32
N ARG F 15 20.56 -20.88 -11.93
CA ARG F 15 21.65 -20.22 -11.22
CA ARG F 15 21.66 -20.20 -11.26
C ARG F 15 21.21 -18.85 -10.71
N ILE F 16 20.50 -18.09 -11.55
CA ILE F 16 19.99 -16.78 -11.15
C ILE F 16 18.95 -16.93 -10.02
N ALA F 17 18.04 -17.88 -10.18
CA ALA F 17 17.02 -18.10 -9.15
C ALA F 17 17.66 -18.50 -7.82
N ALA F 18 18.68 -19.35 -7.86
CA ALA F 18 19.36 -19.76 -6.64
C ALA F 18 20.04 -18.57 -5.97
N SER F 19 20.79 -17.79 -6.75
CA SER F 19 21.43 -16.60 -6.20
C SER F 19 20.41 -15.70 -5.53
N LYS F 20 19.30 -15.44 -6.21
CA LYS F 20 18.27 -14.57 -5.62
C LYS F 20 17.68 -15.20 -4.37
N CYS F 21 17.48 -16.52 -4.39
CA CYS F 21 16.95 -17.21 -3.20
C CYS F 21 17.89 -17.07 -2.03
N ARG F 22 19.18 -17.36 -2.24
CA ARG F 22 20.17 -17.26 -1.16
CA ARG F 22 20.14 -17.26 -1.14
C ARG F 22 20.26 -15.83 -0.64
N LYS F 23 20.26 -14.85 -1.55
CA LYS F 23 20.37 -13.45 -1.15
C LYS F 23 19.22 -13.02 -0.26
N ARG F 24 17.99 -13.43 -0.62
CA ARG F 24 16.84 -13.06 0.21
C ARG F 24 16.94 -13.71 1.60
N LYS F 25 17.45 -14.94 1.68
CA LYS F 25 17.64 -15.57 2.98
C LYS F 25 18.57 -14.73 3.86
N LEU F 26 19.71 -14.32 3.32
CA LEU F 26 20.65 -13.55 4.11
C LEU F 26 20.12 -12.15 4.41
N GLU F 27 19.41 -11.55 3.46
CA GLU F 27 18.85 -10.22 3.72
C GLU F 27 17.84 -10.27 4.87
N ARG F 28 17.02 -11.32 4.92
CA ARG F 28 16.05 -11.43 6.00
C ARG F 28 16.74 -11.52 7.36
N ILE F 29 17.81 -12.31 7.44
CA ILE F 29 18.56 -12.43 8.68
C ILE F 29 19.19 -11.10 9.06
N SER F 30 19.82 -10.43 8.09
CA SER F 30 20.44 -9.14 8.36
C SER F 30 19.41 -8.11 8.81
N ARG F 31 18.29 -8.04 8.10
CA ARG F 31 17.21 -7.12 8.48
C ARG F 31 16.72 -7.42 9.89
N LEU F 32 16.55 -8.70 10.23
CA LEU F 32 16.05 -9.05 11.55
C LEU F 32 17.06 -8.72 12.64
N GLU F 33 18.35 -8.97 12.38
CA GLU F 33 19.36 -8.67 13.39
C GLU F 33 19.41 -7.17 13.68
N GLU F 34 19.22 -6.34 12.66
CA GLU F 34 19.21 -4.90 12.87
C GLU F 34 17.98 -4.48 13.67
N LYS F 35 16.83 -5.09 13.39
CA LYS F 35 15.61 -4.72 14.11
C LYS F 35 15.68 -5.15 15.58
N VAL F 36 16.32 -6.28 15.86
CA VAL F 36 16.50 -6.71 17.24
C VAL F 36 17.40 -5.72 17.99
N LYS F 37 18.49 -5.28 17.34
CA LYS F 37 19.38 -4.31 17.97
C LYS F 37 18.64 -3.01 18.26
N THR F 38 17.87 -2.53 17.29
CA THR F 38 17.10 -1.30 17.46
C THR F 38 16.11 -1.42 18.62
N LEU F 39 15.32 -2.51 18.62
CA LEU F 39 14.26 -2.65 19.61
C LEU F 39 14.81 -2.75 21.03
N LYS F 40 15.94 -3.45 21.18
CA LYS F 40 16.56 -3.53 22.50
C LYS F 40 16.99 -2.15 22.97
N SER F 41 17.59 -1.36 22.07
CA SER F 41 17.94 0.01 22.41
C SER F 41 16.70 0.84 22.74
N GLN F 42 15.65 0.71 21.94
CA GLN F 42 14.45 1.49 22.17
C GLN F 42 13.78 1.11 23.49
N ASN F 43 13.70 -0.20 23.78
CA ASN F 43 13.04 -0.63 25.00
C ASN F 43 13.83 -0.20 26.25
N THR F 44 15.16 -0.13 26.15
CA THR F 44 15.95 0.36 27.27
C THR F 44 15.55 1.79 27.62
N GLU F 45 15.48 2.65 26.61
CA GLU F 45 15.11 4.04 26.88
C GLU F 45 13.68 4.14 27.38
N LEU F 46 12.75 3.36 26.79
CA LEU F 46 11.37 3.39 27.24
C LEU F 46 11.25 2.94 28.69
N ALA F 47 12.01 1.91 29.08
CA ALA F 47 11.98 1.47 30.46
C ALA F 47 12.55 2.53 31.39
N SER F 48 13.56 3.27 30.93
CA SER F 48 14.08 4.39 31.71
C SER F 48 13.03 5.47 31.90
N THR F 49 12.29 5.81 30.84
CA THR F 49 11.24 6.83 30.98
C THR F 49 10.14 6.37 31.93
N ALA F 50 9.69 5.12 31.79
CA ALA F 50 8.64 4.60 32.66
C ALA F 50 9.09 4.64 34.12
N SER F 51 10.32 4.21 34.39
CA SER F 51 10.83 4.22 35.76
C SER F 51 10.80 5.63 36.35
N LEU F 52 11.24 6.61 35.56
CA LEU F 52 11.22 7.99 36.04
C LEU F 52 9.78 8.45 36.30
N LEU F 53 8.86 8.10 35.41
CA LEU F 53 7.46 8.50 35.58
C LEU F 53 6.85 7.87 36.83
N ARG F 54 7.15 6.60 37.11
CA ARG F 54 6.64 5.98 38.32
C ARG F 54 7.12 6.72 39.57
N GLU F 55 8.38 7.17 39.56
CA GLU F 55 8.89 7.92 40.69
C GLU F 55 8.19 9.26 40.82
N GLN F 56 8.01 9.97 39.71
CA GLN F 56 7.32 11.25 39.76
C GLN F 56 5.87 11.08 40.22
N VAL F 57 5.20 10.03 39.74
CA VAL F 57 3.82 9.77 40.14
C VAL F 57 3.74 9.47 41.63
N ALA F 58 4.66 8.65 42.15
CA ALA F 58 4.67 8.36 43.58
C ALA F 58 4.83 9.64 44.40
N GLN F 59 5.78 10.49 44.01
CA GLN F 59 5.99 11.74 44.76
C GLN F 59 4.75 12.63 44.70
N LEU F 60 4.14 12.76 43.51
CA LEU F 60 2.92 13.56 43.41
C LEU F 60 1.80 12.97 44.26
N LYS F 61 1.70 11.65 44.30
CA LYS F 61 0.68 11.00 45.12
C LYS F 61 0.85 11.36 46.60
N GLN F 62 2.09 11.54 47.06
CA GLN F 62 2.32 11.94 48.44
C GLN F 62 1.94 13.40 48.66
N LYS F 63 2.27 14.28 47.72
CA LYS F 63 1.87 15.67 47.84
C LYS F 63 0.35 15.77 47.95
N VAL F 64 -0.37 15.08 47.08
CA VAL F 64 -1.83 15.13 47.13
C VAL F 64 -2.31 14.65 48.50
N LEU F 65 -1.77 13.52 48.97
CA LEU F 65 -2.19 12.98 50.27
C LEU F 65 -1.94 13.99 51.39
N SER F 66 -0.79 14.66 51.37
CA SER F 66 -0.47 15.66 52.39
C SER F 66 -1.15 17.00 52.14
N HIS F 67 -1.90 17.14 51.05
CA HIS F 67 -2.61 18.37 50.75
C HIS F 67 -1.64 19.53 50.54
P PO4 I . -11.12 -12.80 -51.31
O1 PO4 I . -10.20 -13.11 -50.16
O2 PO4 I . -10.66 -11.54 -52.01
O3 PO4 I . -12.53 -12.60 -50.79
O4 PO4 I . -11.12 -13.94 -52.29
C1 EDO J . -12.33 10.88 -4.38
O1 EDO J . -11.74 10.81 -5.68
C2 EDO J . -12.91 12.27 -4.17
O2 EDO J . -11.93 13.25 -4.54
H11 EDO J . -13.12 10.13 -4.27
H12 EDO J . -11.58 10.68 -3.61
HO1 EDO J . -11.37 9.93 -5.81
H21 EDO J . -13.80 12.39 -4.79
H22 EDO J . -13.20 12.41 -3.13
HO2 EDO J . -12.30 14.13 -4.41
NA NA K . -14.03 8.87 -34.85
P PO4 L . -6.79 -4.92 -28.33
O1 PO4 L . -7.51 -4.19 -27.22
O2 PO4 L . -5.39 -4.37 -28.46
O3 PO4 L . -6.71 -6.39 -28.01
O4 PO4 L . -7.53 -4.71 -29.63
C1 EDO M . 5.37 -29.81 -27.28
O1 EDO M . 6.00 -30.00 -26.01
C2 EDO M . 4.02 -29.13 -27.11
O2 EDO M . 3.04 -30.11 -26.71
H11 EDO M . 5.23 -30.79 -27.77
H12 EDO M . 6.01 -29.21 -27.92
HO1 EDO M . 6.85 -30.43 -26.12
H21 EDO M . 3.72 -28.67 -28.05
H22 EDO M . 4.09 -28.35 -26.36
HO2 EDO M . 2.19 -29.68 -26.60
C1 EDO N . -0.32 -23.38 -38.30
O1 EDO N . 0.89 -24.17 -38.34
C2 EDO N . -0.05 -22.00 -38.88
O2 EDO N . -1.23 -21.20 -38.80
H11 EDO N . -1.11 -23.88 -38.87
H12 EDO N . -0.66 -23.29 -37.26
HO1 EDO N . 0.71 -25.05 -37.97
H21 EDO N . 0.77 -21.52 -38.32
H22 EDO N . 0.27 -22.10 -39.92
HO2 EDO N . -1.05 -20.32 -39.18
CL CL O . -10.80 -19.64 -31.07
C1 EDO P . -20.12 -11.25 -32.60
O1 EDO P . -19.65 -12.33 -33.40
C2 EDO P . -19.25 -11.07 -31.35
O2 EDO P . -17.90 -11.47 -31.62
H11 EDO P . -21.16 -11.42 -32.29
H12 EDO P . -20.11 -10.33 -33.18
HO1 EDO P . -20.22 -12.42 -34.18
H21 EDO P . -19.65 -11.68 -30.55
H22 EDO P . -19.27 -10.03 -31.04
HO2 EDO P . -17.36 -11.35 -30.82
NA NA Q . -13.29 -13.83 -24.22
C1 EDO R . 34.58 -46.83 3.85
O1 EDO R . 34.06 -47.13 2.54
C2 EDO R . 36.10 -46.83 3.82
O2 EDO R . 36.60 -45.73 3.05
H11 EDO R . 34.22 -47.58 4.56
H12 EDO R . 34.21 -45.85 4.18
HO1 EDO R . 33.09 -47.12 2.57
H21 EDO R . 36.46 -47.76 3.39
H22 EDO R . 36.49 -46.76 4.84
HO2 EDO R . 37.56 -45.74 3.06
C1 EDO S . 6.95 3.49 17.01
O1 EDO S . 6.09 3.30 18.12
C2 EDO S . 8.15 4.33 17.42
O2 EDO S . 9.10 4.39 16.34
H11 EDO S . 7.31 2.52 16.64
H12 EDO S . 6.42 3.98 16.20
HO1 EDO S . 5.33 2.76 17.85
H21 EDO S . 8.62 3.90 18.30
H22 EDO S . 7.82 5.34 17.66
HO2 EDO S . 9.85 4.92 16.61
C1 EDO T . 8.58 0.57 14.59
O1 EDO T . 9.71 -0.24 14.88
C2 EDO T . 7.30 -0.20 14.88
O2 EDO T . 7.39 -0.83 16.16
H11 EDO T . 8.59 0.89 13.54
H12 EDO T . 8.61 1.48 15.21
HO1 EDO T . 10.52 0.25 14.70
H21 EDO T . 6.44 0.48 14.87
H22 EDO T . 7.14 -0.96 14.11
HO2 EDO T . 6.58 -1.32 16.34
C1 EDO U . 18.76 -30.93 -32.19
O1 EDO U . 20.17 -31.22 -32.32
C2 EDO U . 18.14 -31.76 -31.06
O2 EDO U . 19.05 -31.87 -29.96
H11 EDO U . 18.63 -29.86 -31.98
H12 EDO U . 18.25 -31.15 -33.13
HO1 EDO U . 20.54 -30.69 -33.04
H21 EDO U . 17.22 -31.28 -30.72
H22 EDO U . 17.89 -32.75 -31.44
HO2 EDO U . 18.64 -32.40 -29.26
C1 EDO V . 26.42 -15.62 -8.59
O1 EDO V . 25.13 -16.25 -8.61
C2 EDO V . 26.43 -14.51 -7.53
O2 EDO V . 26.22 -15.09 -6.23
H11 EDO V . 26.63 -15.18 -9.57
H12 EDO V . 27.19 -16.35 -8.36
HO1 EDO V . 25.14 -16.95 -9.29
H21 EDO V . 25.64 -13.79 -7.74
H22 EDO V . 27.39 -13.99 -7.56
HO2 EDO V . 26.23 -14.39 -5.57
C1 EDO W . 27.09 -31.71 -29.44
O1 EDO W . 26.68 -31.06 -30.65
C2 EDO W . 25.95 -31.68 -28.42
O2 EDO W . 26.40 -32.13 -27.14
H11 EDO W . 27.96 -31.21 -29.03
H12 EDO W . 27.36 -32.75 -29.65
HO1 EDO W . 27.40 -31.08 -31.29
H21 EDO W . 25.13 -32.31 -28.76
H22 EDO W . 25.57 -30.65 -28.33
HO2 EDO W . 25.66 -32.10 -26.51
C1 EDO X . 22.62 -6.08 14.30
O1 EDO X . 23.90 -6.38 14.84
C2 EDO X . 22.75 -5.70 12.84
O2 EDO X . 23.27 -4.37 12.72
H11 EDO X . 21.97 -6.97 14.39
H12 EDO X . 22.16 -5.27 14.87
HO1 EDO X . 23.83 -6.62 15.78
H21 EDO X . 21.76 -5.74 12.36
H22 EDO X . 23.41 -6.40 12.32
HO2 EDO X . 23.35 -4.14 11.78
NA NA Y . 26.87 -29.41 -15.96
P PO4 Z . 18.75 -22.78 -1.96
O1 PO4 Z . 18.76 -21.71 -0.90
O2 PO4 Z . 19.34 -24.04 -1.39
O3 PO4 Z . 17.33 -23.03 -2.39
O4 PO4 Z . 19.55 -22.32 -3.15
#